data_5MMT
#
_entry.id   5MMT
#
_cell.length_a   80.190
_cell.length_b   80.190
_cell.length_c   293.690
_cell.angle_alpha   90.00
_cell.angle_beta   90.00
_cell.angle_gamma   120.00
#
_symmetry.space_group_name_H-M   'P 31 2 1'
#
_entity_poly.entity_id   1
_entity_poly.type   'polypeptide(L)'
_entity_poly.pdbx_seq_one_letter_code
;MEDKGKTFFGQPLGLSTLFMTEMWERFSYYGMRAILLYYMWFLISTGDLHITRATAASIMAIYASMVYLSGTIGGFVADR
IIGARPAVFWGGVLIMLGHIVLALPFGASALFGSIILIIIGTGFLKPNVSTLVGTLYDEHDRRRDAGFSIFVFGINLGAF
IAPLIVGAAQEAAGYHVAFSLAAIGMFIGLLVYYFGGKKTLDPHYLRPTDPLAPEEVKPLLVKVSLAVAGFIAIIVVMNL
VGWNSLPAYINLLTIVAIAIPVFYFAWMISSVKVTSTEHLRVVSYIPLFIAAVLFWAIEEQGSVVLATFAAERVDSSWFP
VSWFQSLNPLFIMLYTPFFAWLWTAWKKNQPSSPTKFAVGLMFAGLSFLLMAIPGALYGTSGKVSPLWLVGSWALVILGE
MLISPVGLSVTTKLAPKAFNSQMMSMWFLSSSVGSALNAQLVTLYNAKSEVAYFSYFGLGSVVLGIVLVFLSKRIQGLMQ
GVEAENLYFQ
;
_entity_poly.pdbx_strand_id   A
#
# COMPACT_ATOMS: atom_id res chain seq x y z
N GLN A 11 -27.08 5.80 10.33
CA GLN A 11 -26.52 4.55 9.86
C GLN A 11 -26.60 3.48 10.94
N PRO A 12 -26.38 2.19 10.57
CA PRO A 12 -26.33 1.15 11.60
C PRO A 12 -25.26 1.44 12.65
N LEU A 13 -25.57 1.11 13.92
CA LEU A 13 -24.65 1.43 15.01
C LEU A 13 -23.27 0.81 14.78
N GLY A 14 -23.26 -0.33 14.07
CA GLY A 14 -22.03 -1.01 13.75
C GLY A 14 -21.02 -0.31 12.86
N LEU A 15 -21.47 0.69 12.12
CA LEU A 15 -20.54 1.43 11.28
C LEU A 15 -19.56 2.25 12.12
N SER A 16 -20.02 2.69 13.29
CA SER A 16 -19.17 3.48 14.17
C SER A 16 -17.96 2.67 14.64
N THR A 17 -18.22 1.42 15.00
CA THR A 17 -17.17 0.50 15.41
C THR A 17 -16.14 0.28 14.29
N LEU A 18 -16.64 -0.01 13.10
CA LEU A 18 -15.80 -0.31 11.96
C LEU A 18 -15.07 0.91 11.42
N PHE A 19 -15.75 2.05 11.40
CA PHE A 19 -15.13 3.34 11.09
C PHE A 19 -13.87 3.58 11.91
N MET A 20 -13.98 3.51 13.23
CA MET A 20 -12.85 3.77 14.11
C MET A 20 -11.78 2.69 13.99
N THR A 21 -12.23 1.45 13.83
CA THR A 21 -11.31 0.32 13.67
C THR A 21 -10.40 0.56 12.48
N GLU A 22 -10.99 0.90 11.34
CA GLU A 22 -10.22 1.15 10.13
C GLU A 22 -9.47 2.47 10.24
N MET A 23 -10.10 3.45 10.91
CA MET A 23 -9.47 4.74 11.09
C MET A 23 -8.17 4.52 11.84
N TRP A 24 -8.22 3.67 12.85
CA TRP A 24 -7.05 3.37 13.67
C TRP A 24 -6.03 2.40 13.06
N GLU A 25 -6.46 1.44 12.24
CA GLU A 25 -5.48 0.56 11.59
C GLU A 25 -4.63 1.28 10.55
N ARG A 26 -5.28 2.09 9.72
CA ARG A 26 -4.60 2.88 8.71
C ARG A 26 -3.76 3.97 9.37
N PHE A 27 -4.24 4.46 10.51
CA PHE A 27 -3.45 5.41 11.29
C PHE A 27 -2.13 4.71 11.62
N SER A 28 -2.24 3.51 12.15
CA SER A 28 -1.07 2.73 12.52
C SER A 28 -0.17 2.41 11.32
N TYR A 29 -0.79 2.03 10.20
CA TYR A 29 -0.02 1.64 9.01
C TYR A 29 0.74 2.77 8.33
N TYR A 30 0.02 3.86 8.02
CA TYR A 30 0.62 4.96 7.29
C TYR A 30 1.46 5.84 8.22
N GLY A 31 1.21 5.75 9.51
CA GLY A 31 2.05 6.40 10.49
C GLY A 31 3.44 5.79 10.46
N MET A 32 3.47 4.46 10.47
CA MET A 32 4.71 3.69 10.38
C MET A 32 5.43 3.94 9.06
N ARG A 33 4.67 3.88 7.97
CA ARG A 33 5.20 4.06 6.62
C ARG A 33 5.86 5.43 6.41
N ALA A 34 5.34 6.44 7.09
CA ALA A 34 5.82 7.81 6.90
C ALA A 34 7.22 8.09 7.47
N ILE A 35 7.70 7.24 8.37
CA ILE A 35 9.01 7.45 8.98
C ILE A 35 9.95 6.27 8.77
N LEU A 36 9.41 5.16 8.26
CA LEU A 36 10.17 3.93 8.14
C LEU A 36 11.39 4.02 7.22
N LEU A 37 11.27 4.73 6.10
CA LEU A 37 12.39 4.87 5.19
C LEU A 37 13.50 5.65 5.88
N TYR A 38 13.12 6.74 6.55
CA TYR A 38 14.07 7.56 7.30
C TYR A 38 14.69 6.74 8.43
N TYR A 39 13.88 5.86 9.02
CA TYR A 39 14.36 4.96 10.06
C TYR A 39 15.44 4.02 9.55
N MET A 40 15.26 3.50 8.34
CA MET A 40 16.24 2.61 7.74
C MET A 40 17.51 3.36 7.37
N TRP A 41 17.37 4.60 6.93
CA TRP A 41 18.52 5.47 6.70
C TRP A 41 19.28 5.60 8.01
N PHE A 42 18.53 5.80 9.09
CA PHE A 42 19.10 5.95 10.42
C PHE A 42 19.86 4.69 10.81
N LEU A 43 19.20 3.54 10.60
CA LEU A 43 19.77 2.23 10.90
C LEU A 43 21.05 1.96 10.10
N ILE A 44 21.08 2.40 8.84
CA ILE A 44 22.28 2.27 8.02
C ILE A 44 23.44 3.09 8.57
N SER A 45 23.17 4.32 8.97
CA SER A 45 24.22 5.23 9.42
C SER A 45 24.90 4.74 10.69
N THR A 46 24.14 4.03 11.52
CA THR A 46 24.64 3.53 12.79
C THR A 46 25.28 2.15 12.63
N GLY A 47 25.21 1.60 11.43
CA GLY A 47 25.78 0.29 11.17
C GLY A 47 24.95 -0.92 11.56
N ASP A 48 23.68 -0.72 11.91
CA ASP A 48 22.85 -1.85 12.30
C ASP A 48 22.37 -2.55 11.03
N LEU A 49 22.13 -1.76 9.99
CA LEU A 49 21.68 -2.30 8.73
C LEU A 49 22.76 -2.05 7.66
N HIS A 50 23.35 -3.13 7.14
CA HIS A 50 24.47 -3.04 6.19
C HIS A 50 23.96 -3.10 4.75
N ILE A 51 23.18 -2.10 4.40
CA ILE A 51 22.72 -1.91 3.04
C ILE A 51 22.88 -0.46 2.62
N THR A 52 22.73 -0.23 1.33
CA THR A 52 22.75 1.11 0.78
C THR A 52 21.37 1.69 1.02
N ARG A 53 21.26 3.01 0.84
CA ARG A 53 19.98 3.69 0.97
C ARG A 53 19.05 3.23 -0.14
N ALA A 54 19.63 2.86 -1.27
CA ALA A 54 18.86 2.36 -2.40
C ALA A 54 18.17 1.06 -2.00
N THR A 55 18.89 0.19 -1.31
CA THR A 55 18.33 -1.08 -0.86
C THR A 55 17.25 -0.82 0.20
N ALA A 56 17.48 0.16 1.06
CA ALA A 56 16.49 0.54 2.07
C ALA A 56 15.19 1.01 1.42
N ALA A 57 15.31 1.76 0.33
CA ALA A 57 14.16 2.20 -0.44
C ALA A 57 13.46 1.00 -1.04
N SER A 58 14.25 0.06 -1.55
CA SER A 58 13.74 -1.15 -2.16
C SER A 58 12.94 -1.95 -1.12
N ILE A 59 13.41 -1.94 0.12
CA ILE A 59 12.70 -2.62 1.21
C ILE A 59 11.31 -1.99 1.38
N MET A 60 11.23 -0.66 1.36
CA MET A 60 9.95 0.03 1.47
C MET A 60 8.95 -0.39 0.39
N ALA A 61 9.43 -0.53 -0.82
CA ALA A 61 8.56 -0.86 -1.95
C ALA A 61 8.05 -2.29 -1.88
N ILE A 62 8.95 -3.23 -1.60
CA ILE A 62 8.55 -4.62 -1.55
C ILE A 62 7.74 -4.89 -0.29
N TYR A 63 7.95 -4.09 0.76
CA TYR A 63 7.13 -4.17 1.96
C TYR A 63 5.66 -3.87 1.63
N ALA A 64 5.42 -2.73 0.99
CA ALA A 64 4.06 -2.39 0.58
C ALA A 64 3.51 -3.45 -0.36
N SER A 65 4.35 -3.88 -1.30
CA SER A 65 3.99 -4.88 -2.29
C SER A 65 3.49 -6.19 -1.71
N MET A 66 4.21 -6.67 -0.70
CA MET A 66 3.89 -7.93 -0.04
C MET A 66 2.66 -7.79 0.83
N VAL A 67 2.47 -6.61 1.40
CA VAL A 67 1.27 -6.35 2.18
C VAL A 67 0.05 -6.49 1.27
N TYR A 68 0.14 -5.93 0.06
CA TYR A 68 -0.92 -6.03 -0.92
C TYR A 68 -1.12 -7.47 -1.43
N LEU A 69 -0.02 -8.15 -1.72
CA LEU A 69 -0.08 -9.54 -2.20
C LEU A 69 -0.71 -10.43 -1.14
N SER A 70 -0.30 -10.22 0.12
CA SER A 70 -0.81 -10.95 1.28
C SER A 70 -2.32 -10.77 1.39
N GLY A 71 -2.79 -9.59 1.02
CA GLY A 71 -4.20 -9.25 1.05
C GLY A 71 -5.13 -10.05 0.15
N THR A 72 -4.59 -10.65 -0.90
CA THR A 72 -5.42 -11.43 -1.83
C THR A 72 -5.78 -12.84 -1.35
N ILE A 73 -5.29 -13.22 -0.17
CA ILE A 73 -5.49 -14.58 0.34
C ILE A 73 -6.38 -14.53 1.59
N GLY A 74 -6.30 -13.43 2.32
CA GLY A 74 -7.01 -13.30 3.58
C GLY A 74 -8.51 -13.38 3.36
N GLY A 75 -8.97 -12.92 2.20
CA GLY A 75 -10.38 -13.01 1.85
C GLY A 75 -10.76 -14.48 1.78
N PHE A 76 -9.90 -15.27 1.14
CA PHE A 76 -10.08 -16.71 1.02
C PHE A 76 -10.12 -17.40 2.39
N VAL A 77 -9.15 -17.05 3.22
CA VAL A 77 -9.00 -17.65 4.55
C VAL A 77 -10.18 -17.38 5.47
N ALA A 78 -10.67 -16.14 5.45
CA ALA A 78 -11.84 -15.77 6.24
C ALA A 78 -13.12 -16.44 5.79
N ASP A 79 -13.40 -16.37 4.48
CA ASP A 79 -14.66 -16.89 3.98
C ASP A 79 -14.75 -18.41 4.16
N ARG A 80 -13.61 -19.08 4.10
CA ARG A 80 -13.58 -20.53 4.09
C ARG A 80 -13.02 -21.22 5.34
N ILE A 81 -12.24 -20.51 6.16
CA ILE A 81 -11.56 -21.18 7.27
C ILE A 81 -11.81 -20.61 8.67
N ILE A 82 -11.50 -19.33 8.87
CA ILE A 82 -11.50 -18.75 10.21
C ILE A 82 -12.62 -17.75 10.46
N GLY A 83 -13.26 -17.25 9.40
CA GLY A 83 -14.32 -16.28 9.57
C GLY A 83 -13.81 -14.86 9.40
N ALA A 84 -14.66 -13.96 8.90
CA ALA A 84 -14.21 -12.60 8.64
C ALA A 84 -13.88 -11.87 9.94
N ARG A 85 -14.71 -12.04 10.96
CA ARG A 85 -14.47 -11.34 12.22
C ARG A 85 -13.23 -11.83 12.99
N PRO A 86 -13.02 -13.16 13.09
CA PRO A 86 -11.75 -13.57 13.70
C PRO A 86 -10.54 -13.20 12.85
N ALA A 87 -10.74 -13.13 11.53
CA ALA A 87 -9.65 -12.76 10.62
C ALA A 87 -9.19 -11.35 10.92
N VAL A 88 -10.15 -10.47 11.18
CA VAL A 88 -9.87 -9.08 11.52
C VAL A 88 -9.20 -8.95 12.88
N PHE A 89 -9.72 -9.65 13.88
CA PHE A 89 -9.16 -9.56 15.23
C PHE A 89 -7.71 -10.02 15.25
N TRP A 90 -7.47 -11.26 14.81
CA TRP A 90 -6.13 -11.83 14.85
C TRP A 90 -5.19 -11.18 13.84
N GLY A 91 -5.74 -10.70 12.73
CA GLY A 91 -4.95 -9.92 11.79
C GLY A 91 -4.45 -8.68 12.50
N GLY A 92 -5.35 -8.06 13.26
CA GLY A 92 -5.04 -6.87 14.03
C GLY A 92 -4.05 -7.16 15.14
N VAL A 93 -4.18 -8.32 15.77
CA VAL A 93 -3.27 -8.72 16.83
C VAL A 93 -1.84 -8.83 16.30
N LEU A 94 -1.70 -9.53 15.17
CA LEU A 94 -0.40 -9.67 14.50
C LEU A 94 0.19 -8.31 14.10
N ILE A 95 -0.66 -7.41 13.62
CA ILE A 95 -0.22 -6.07 13.21
C ILE A 95 0.26 -5.27 14.42
N MET A 96 -0.52 -5.32 15.50
CA MET A 96 -0.16 -4.66 16.74
C MET A 96 1.20 -5.21 17.20
N LEU A 97 1.39 -6.52 17.07
CA LEU A 97 2.64 -7.15 17.43
C LEU A 97 3.75 -6.67 16.50
N GLY A 98 3.40 -6.44 15.24
CA GLY A 98 4.33 -5.90 14.25
C GLY A 98 4.90 -4.55 14.64
N HIS A 99 4.06 -3.68 15.18
CA HIS A 99 4.52 -2.37 15.63
C HIS A 99 5.28 -2.48 16.94
N ILE A 100 4.83 -3.39 17.81
CA ILE A 100 5.52 -3.62 19.07
C ILE A 100 6.96 -4.07 18.83
N VAL A 101 7.16 -4.91 17.83
CA VAL A 101 8.49 -5.39 17.46
C VAL A 101 9.45 -4.24 17.06
N LEU A 102 8.91 -3.24 16.36
CA LEU A 102 9.68 -2.07 15.93
C LEU A 102 9.93 -1.00 16.97
N ALA A 103 9.18 -0.98 18.05
CA ALA A 103 9.44 0.02 19.06
C ALA A 103 10.54 -0.41 20.02
N LEU A 104 10.82 -1.71 20.11
CA LEU A 104 11.91 -2.14 20.97
C LEU A 104 13.29 -1.68 20.48
N PRO A 105 14.24 -1.56 21.42
CA PRO A 105 15.62 -1.13 21.15
C PRO A 105 16.38 -2.26 20.48
N PHE A 106 15.86 -2.75 19.37
CA PHE A 106 16.52 -3.76 18.55
C PHE A 106 16.83 -3.07 17.23
N GLY A 107 17.56 -3.77 16.35
CA GLY A 107 17.87 -3.23 15.05
C GLY A 107 17.24 -3.95 13.88
N ALA A 108 18.08 -4.44 12.97
CA ALA A 108 17.59 -5.07 11.76
C ALA A 108 16.78 -6.28 12.17
N SER A 109 17.11 -6.89 13.30
CA SER A 109 16.40 -8.11 13.64
C SER A 109 14.95 -7.77 13.93
N ALA A 110 14.62 -6.50 14.16
CA ALA A 110 13.21 -6.28 14.42
C ALA A 110 12.50 -5.80 13.16
N LEU A 111 13.25 -5.34 12.15
CA LEU A 111 12.55 -4.81 10.97
C LEU A 111 11.73 -5.89 10.32
N PHE A 112 12.46 -6.96 10.04
CA PHE A 112 11.97 -8.14 9.34
C PHE A 112 10.91 -8.87 10.13
N GLY A 113 11.15 -9.05 11.42
CA GLY A 113 10.18 -9.73 12.25
C GLY A 113 8.89 -8.93 12.23
N SER A 114 9.03 -7.61 12.33
CA SER A 114 7.91 -6.68 12.29
C SER A 114 7.20 -6.69 10.96
N ILE A 115 8.00 -6.64 9.90
CA ILE A 115 7.50 -6.58 8.53
C ILE A 115 6.68 -7.83 8.24
N ILE A 116 7.20 -8.99 8.61
CA ILE A 116 6.47 -10.23 8.40
C ILE A 116 5.16 -10.23 9.20
N LEU A 117 5.22 -9.78 10.45
CA LEU A 117 4.01 -9.72 11.28
C LEU A 117 2.94 -8.83 10.65
N ILE A 118 3.36 -7.64 10.23
CA ILE A 118 2.45 -6.68 9.64
C ILE A 118 1.95 -7.11 8.25
N ILE A 119 2.83 -7.72 7.46
CA ILE A 119 2.42 -8.27 6.16
C ILE A 119 1.31 -9.29 6.33
N ILE A 120 1.52 -10.27 7.21
CA ILE A 120 0.53 -11.30 7.48
C ILE A 120 -0.72 -10.72 8.12
N GLY A 121 -0.53 -9.86 9.12
CA GLY A 121 -1.64 -9.25 9.83
C GLY A 121 -2.53 -8.40 8.92
N THR A 122 -1.91 -7.57 8.09
CA THR A 122 -2.64 -6.70 7.16
C THR A 122 -3.34 -7.54 6.10
N GLY A 123 -2.71 -8.64 5.72
CA GLY A 123 -3.28 -9.56 4.75
C GLY A 123 -4.60 -10.13 5.26
N PHE A 124 -4.65 -10.39 6.55
CA PHE A 124 -5.86 -10.89 7.20
C PHE A 124 -6.92 -9.79 7.32
N LEU A 125 -6.52 -8.59 7.72
CA LEU A 125 -7.48 -7.53 8.06
C LEU A 125 -8.10 -6.82 6.86
N LYS A 126 -7.29 -6.33 5.92
CA LYS A 126 -7.80 -5.41 4.89
C LYS A 126 -8.96 -5.90 4.03
N PRO A 127 -8.84 -7.08 3.39
CA PRO A 127 -10.00 -7.43 2.57
C PRO A 127 -11.20 -7.79 3.44
N ASN A 128 -10.94 -8.17 4.68
CA ASN A 128 -12.00 -8.72 5.52
C ASN A 128 -12.79 -7.67 6.29
N VAL A 129 -12.16 -6.54 6.63
CA VAL A 129 -12.91 -5.44 7.20
C VAL A 129 -13.87 -4.91 6.15
N SER A 130 -13.40 -4.86 4.90
CA SER A 130 -14.22 -4.42 3.79
C SER A 130 -15.40 -5.35 3.58
N THR A 131 -15.15 -6.65 3.71
CA THR A 131 -16.22 -7.64 3.64
C THR A 131 -17.26 -7.38 4.73
N LEU A 132 -16.80 -7.15 5.95
CA LEU A 132 -17.71 -6.94 7.07
C LEU A 132 -18.53 -5.66 6.91
N VAL A 133 -17.96 -4.67 6.26
CA VAL A 133 -18.69 -3.44 5.97
C VAL A 133 -19.89 -3.78 5.10
N GLY A 134 -19.66 -4.61 4.08
CA GLY A 134 -20.73 -5.08 3.20
C GLY A 134 -21.79 -5.82 3.98
N THR A 135 -21.34 -6.61 4.96
CA THR A 135 -22.24 -7.42 5.78
C THR A 135 -23.20 -6.61 6.66
N LEU A 136 -22.95 -5.31 6.82
CA LEU A 136 -23.85 -4.49 7.61
C LEU A 136 -25.19 -4.25 6.91
N TYR A 137 -25.20 -4.40 5.58
CA TYR A 137 -26.36 -4.03 4.75
C TYR A 137 -26.98 -5.23 4.02
N ASP A 138 -28.31 -5.20 3.91
CA ASP A 138 -29.07 -6.12 3.07
C ASP A 138 -28.71 -5.85 1.60
N GLU A 139 -29.07 -6.75 0.69
CA GLU A 139 -28.73 -6.51 -0.71
C GLU A 139 -29.34 -5.20 -1.25
N HIS A 140 -30.57 -4.93 -0.88
CA HIS A 140 -31.33 -3.78 -1.37
C HIS A 140 -31.30 -2.59 -0.43
N ASP A 141 -30.51 -2.67 0.63
CA ASP A 141 -30.52 -1.59 1.59
C ASP A 141 -29.78 -0.46 0.87
N ARG A 142 -30.50 0.64 0.69
CA ARG A 142 -30.05 1.84 -0.01
C ARG A 142 -28.99 2.66 0.72
N ARG A 143 -28.82 2.42 2.01
CA ARG A 143 -27.89 3.28 2.73
C ARG A 143 -26.44 2.93 2.31
N ARG A 144 -26.31 1.86 1.53
CA ARG A 144 -25.01 1.27 1.17
C ARG A 144 -23.96 2.16 0.51
N ASP A 145 -24.36 2.92 -0.51
CA ASP A 145 -23.40 3.78 -1.17
C ASP A 145 -22.90 4.84 -0.22
N ALA A 146 -23.83 5.42 0.53
CA ALA A 146 -23.51 6.45 1.51
C ALA A 146 -22.65 5.85 2.61
N GLY A 147 -23.03 4.65 3.04
CA GLY A 147 -22.31 3.92 4.06
C GLY A 147 -20.86 3.59 3.72
N PHE A 148 -20.62 3.16 2.50
CA PHE A 148 -19.26 2.84 2.06
C PHE A 148 -18.43 4.12 1.94
N SER A 149 -19.10 5.21 1.57
CA SER A 149 -18.46 6.52 1.46
C SER A 149 -17.99 7.04 2.82
N ILE A 150 -18.81 6.82 3.84
CA ILE A 150 -18.48 7.24 5.20
C ILE A 150 -17.31 6.41 5.74
N PHE A 151 -17.35 5.12 5.45
CA PHE A 151 -16.28 4.21 5.82
C PHE A 151 -14.95 4.64 5.21
N VAL A 152 -14.97 4.96 3.93
CA VAL A 152 -13.77 5.41 3.22
C VAL A 152 -13.22 6.74 3.76
N PHE A 153 -14.11 7.61 4.24
CA PHE A 153 -13.67 8.87 4.83
C PHE A 153 -12.84 8.63 6.07
N GLY A 154 -13.24 7.64 6.86
CA GLY A 154 -12.49 7.24 8.03
C GLY A 154 -11.11 6.72 7.70
N ILE A 155 -11.00 5.96 6.61
CA ILE A 155 -9.70 5.47 6.18
C ILE A 155 -8.78 6.65 5.87
N ASN A 156 -9.28 7.57 5.05
CA ASN A 156 -8.49 8.74 4.69
C ASN A 156 -8.19 9.65 5.86
N LEU A 157 -9.15 9.79 6.77
CA LEU A 157 -8.97 10.62 7.96
C LEU A 157 -7.85 10.08 8.84
N GLY A 158 -7.85 8.76 9.05
CA GLY A 158 -6.79 8.12 9.81
C GLY A 158 -5.46 8.23 9.11
N ALA A 159 -5.50 7.99 7.79
CA ALA A 159 -4.34 8.11 6.92
C ALA A 159 -3.81 9.54 6.86
N PHE A 160 -4.68 10.51 7.09
CA PHE A 160 -4.32 11.92 7.01
C PHE A 160 -3.60 12.38 8.28
N ILE A 161 -4.18 12.03 9.43
CA ILE A 161 -3.70 12.53 10.71
C ILE A 161 -2.47 11.76 11.20
N ALA A 162 -2.29 10.54 10.69
CA ALA A 162 -1.20 9.66 11.13
C ALA A 162 0.23 10.20 10.86
N PRO A 163 0.52 10.65 9.63
CA PRO A 163 1.87 11.19 9.39
C PRO A 163 2.17 12.44 10.22
N LEU A 164 1.13 13.24 10.43
CA LEU A 164 1.21 14.45 11.23
C LEU A 164 1.63 14.13 12.67
N ILE A 165 0.95 13.16 13.27
CA ILE A 165 1.18 12.80 14.66
C ILE A 165 2.47 11.99 14.87
N VAL A 166 2.69 10.98 14.04
CA VAL A 166 3.86 10.12 14.18
C VAL A 166 5.12 10.84 13.74
N GLY A 167 5.00 11.62 12.67
CA GLY A 167 6.11 12.42 12.18
C GLY A 167 6.60 13.43 13.19
N ALA A 168 5.67 14.08 13.88
CA ALA A 168 6.00 15.05 14.91
C ALA A 168 6.66 14.37 16.10
N ALA A 169 6.13 13.21 16.46
CA ALA A 169 6.70 12.45 17.56
C ALA A 169 8.13 12.05 17.23
N GLN A 170 8.36 11.64 15.98
CA GLN A 170 9.70 11.28 15.54
C GLN A 170 10.73 12.40 15.68
N GLU A 171 10.39 13.60 15.22
CA GLU A 171 11.33 14.73 15.31
C GLU A 171 11.57 15.12 16.77
N ALA A 172 10.50 15.14 17.55
CA ALA A 172 10.56 15.55 18.94
C ALA A 172 11.19 14.52 19.88
N ALA A 173 10.78 13.27 19.73
CA ALA A 173 11.09 12.26 20.74
C ALA A 173 11.73 11.00 20.16
N GLY A 174 12.02 11.02 18.86
CA GLY A 174 12.71 9.91 18.22
C GLY A 174 11.83 8.85 17.59
N TYR A 175 12.48 7.92 16.89
CA TYR A 175 11.78 6.92 16.09
C TYR A 175 11.01 5.93 16.94
N HIS A 176 11.63 5.47 18.02
CA HIS A 176 11.04 4.46 18.90
C HIS A 176 9.75 4.96 19.53
N VAL A 177 9.73 6.21 19.97
CA VAL A 177 8.53 6.81 20.53
C VAL A 177 7.45 6.95 19.46
N ALA A 178 7.86 7.35 18.27
CA ALA A 178 6.94 7.48 17.13
C ALA A 178 6.25 6.15 16.79
N PHE A 179 7.04 5.08 16.71
CA PHE A 179 6.51 3.76 16.45
C PHE A 179 5.57 3.27 17.55
N SER A 180 5.85 3.67 18.80
CA SER A 180 5.02 3.29 19.92
C SER A 180 3.62 3.90 19.84
N LEU A 181 3.53 5.12 19.30
CA LEU A 181 2.23 5.74 19.08
C LEU A 181 1.39 4.96 18.08
N ALA A 182 2.06 4.41 17.08
CA ALA A 182 1.41 3.57 16.07
C ALA A 182 0.89 2.30 16.72
N ALA A 183 1.67 1.72 17.62
CA ALA A 183 1.25 0.52 18.33
C ALA A 183 0.02 0.80 19.18
N ILE A 184 0.00 1.96 19.83
CA ILE A 184 -1.12 2.34 20.68
C ILE A 184 -2.36 2.58 19.83
N GLY A 185 -2.17 3.20 18.66
CA GLY A 185 -3.24 3.37 17.70
C GLY A 185 -3.92 2.07 17.28
N MET A 186 -3.10 1.07 16.97
CA MET A 186 -3.62 -0.24 16.59
C MET A 186 -4.33 -0.92 17.76
N PHE A 187 -3.75 -0.74 18.97
CA PHE A 187 -4.32 -1.30 20.18
C PHE A 187 -5.71 -0.72 20.43
N ILE A 188 -5.84 0.60 20.25
CA ILE A 188 -7.13 1.27 20.36
C ILE A 188 -8.13 0.65 19.38
N GLY A 189 -7.69 0.48 18.14
CA GLY A 189 -8.50 -0.17 17.12
C GLY A 189 -9.00 -1.55 17.49
N LEU A 190 -8.11 -2.38 18.04
CA LEU A 190 -8.48 -3.73 18.44
C LEU A 190 -9.49 -3.70 19.59
N LEU A 191 -9.29 -2.80 20.54
CA LEU A 191 -10.19 -2.64 21.68
C LEU A 191 -11.59 -2.24 21.24
N VAL A 192 -11.66 -1.23 20.37
CA VAL A 192 -12.92 -0.70 19.86
C VAL A 192 -13.59 -1.77 19.01
N TYR A 193 -12.80 -2.43 18.19
CA TYR A 193 -13.31 -3.49 17.33
C TYR A 193 -13.91 -4.56 18.24
N TYR A 194 -13.17 -4.95 19.27
CA TYR A 194 -13.59 -6.05 20.16
C TYR A 194 -14.86 -5.77 20.99
N PHE A 195 -14.88 -4.66 21.74
CA PHE A 195 -16.00 -4.29 22.63
C PHE A 195 -17.15 -3.75 21.81
N GLY A 196 -16.83 -3.09 20.70
CA GLY A 196 -17.85 -2.57 19.82
C GLY A 196 -18.48 -3.67 18.99
N GLY A 197 -17.67 -4.65 18.64
CA GLY A 197 -18.12 -5.76 17.83
C GLY A 197 -19.12 -6.62 18.57
N LYS A 198 -18.88 -6.88 19.85
CA LYS A 198 -19.82 -7.72 20.59
C LYS A 198 -21.19 -7.06 20.70
N LYS A 199 -21.25 -5.75 20.44
CA LYS A 199 -22.50 -5.00 20.51
C LYS A 199 -23.30 -4.97 19.21
N THR A 200 -22.59 -4.79 18.10
CA THR A 200 -23.26 -4.46 16.84
C THR A 200 -23.04 -5.38 15.64
N LEU A 201 -21.99 -6.18 15.68
CA LEU A 201 -21.66 -7.02 14.52
C LEU A 201 -22.43 -8.35 14.50
N ASP A 202 -22.83 -8.78 13.31
CA ASP A 202 -23.54 -10.04 13.13
C ASP A 202 -22.68 -11.25 13.48
N PRO A 203 -23.18 -12.10 14.38
CA PRO A 203 -22.55 -13.36 14.83
C PRO A 203 -22.23 -14.35 13.71
N HIS A 204 -22.95 -14.30 12.59
CA HIS A 204 -22.70 -15.17 11.45
C HIS A 204 -21.26 -15.21 10.97
N TYR A 205 -20.60 -14.06 11.05
CA TYR A 205 -19.27 -13.89 10.51
C TYR A 205 -18.19 -14.21 11.52
N LEU A 206 -18.59 -14.84 12.64
CA LEU A 206 -17.60 -15.39 13.54
C LEU A 206 -17.06 -16.68 12.94
N ARG A 207 -17.78 -17.25 11.97
CA ARG A 207 -17.35 -18.49 11.32
C ARG A 207 -17.33 -18.29 9.79
N PRO A 208 -16.58 -19.14 9.06
CA PRO A 208 -16.53 -19.22 7.58
C PRO A 208 -17.84 -19.51 6.84
N THR A 209 -18.06 -18.85 5.70
CA THR A 209 -19.28 -19.07 4.92
C THR A 209 -19.21 -20.16 3.83
N ASP A 210 -18.01 -20.51 3.37
CA ASP A 210 -17.86 -21.61 2.43
C ASP A 210 -16.75 -22.62 2.76
N PRO A 211 -16.92 -23.38 3.85
CA PRO A 211 -15.83 -24.30 4.23
C PRO A 211 -15.53 -25.34 3.14
N GLU A 215 -14.32 -32.15 2.23
CA GLU A 215 -13.39 -32.95 1.46
C GLU A 215 -12.30 -32.09 0.83
N GLU A 216 -12.44 -30.79 1.06
CA GLU A 216 -11.54 -29.78 0.52
C GLU A 216 -10.39 -29.41 1.47
N VAL A 217 -10.47 -29.86 2.72
CA VAL A 217 -9.49 -29.45 3.74
C VAL A 217 -8.12 -30.03 3.43
N LYS A 218 -8.05 -31.33 3.14
CA LYS A 218 -6.77 -31.96 2.84
C LYS A 218 -6.16 -31.36 1.54
N PRO A 219 -6.94 -31.27 0.44
CA PRO A 219 -6.42 -30.66 -0.80
C PRO A 219 -5.90 -29.22 -0.64
N LEU A 220 -6.53 -28.42 0.22
CA LEU A 220 -6.09 -27.06 0.48
C LEU A 220 -4.74 -27.12 1.17
N LEU A 221 -4.61 -28.04 2.12
CA LEU A 221 -3.35 -28.23 2.82
C LEU A 221 -2.26 -28.56 1.81
N VAL A 222 -2.55 -29.47 0.89
CA VAL A 222 -1.59 -29.83 -0.15
C VAL A 222 -1.23 -28.64 -1.03
N LYS A 223 -2.24 -27.87 -1.44
CA LYS A 223 -2.03 -26.72 -2.32
C LYS A 223 -1.12 -25.64 -1.72
N VAL A 224 -1.41 -25.26 -0.48
CA VAL A 224 -0.63 -24.25 0.24
C VAL A 224 0.78 -24.77 0.51
N SER A 225 0.86 -26.05 0.89
CA SER A 225 2.13 -26.68 1.21
C SER A 225 3.06 -26.73 0.01
N LEU A 226 2.51 -27.07 -1.16
CA LEU A 226 3.29 -27.16 -2.38
C LEU A 226 3.86 -25.80 -2.75
N ALA A 227 3.11 -24.73 -2.52
CA ALA A 227 3.59 -23.40 -2.88
C ALA A 227 4.73 -23.00 -1.95
N VAL A 228 4.55 -23.31 -0.68
CA VAL A 228 5.53 -23.02 0.38
C VAL A 228 6.80 -23.88 0.27
N ALA A 229 6.62 -25.16 -0.07
CA ALA A 229 7.72 -26.10 -0.18
C ALA A 229 8.63 -25.71 -1.34
N GLY A 230 8.01 -25.22 -2.41
CA GLY A 230 8.76 -24.75 -3.56
C GLY A 230 9.51 -23.50 -3.15
N PHE A 231 8.81 -22.62 -2.44
CA PHE A 231 9.40 -21.37 -1.95
C PHE A 231 10.61 -21.54 -1.01
N ILE A 232 10.57 -22.53 -0.12
CA ILE A 232 11.69 -22.75 0.79
C ILE A 232 12.90 -23.33 0.05
N ALA A 233 12.63 -24.26 -0.87
CA ALA A 233 13.65 -24.89 -1.69
C ALA A 233 14.36 -23.86 -2.57
N ILE A 234 13.60 -22.88 -3.04
CA ILE A 234 14.12 -21.80 -3.86
C ILE A 234 15.12 -20.98 -3.06
N ILE A 235 14.81 -20.72 -1.80
CA ILE A 235 15.72 -19.96 -0.94
C ILE A 235 17.02 -20.74 -0.69
N VAL A 236 16.92 -22.06 -0.58
CA VAL A 236 18.10 -22.91 -0.39
C VAL A 236 19.04 -22.84 -1.59
N VAL A 237 18.49 -23.02 -2.79
CA VAL A 237 19.24 -22.98 -4.05
C VAL A 237 19.90 -21.61 -4.27
N MET A 238 19.21 -20.56 -3.83
CA MET A 238 19.72 -19.19 -3.93
C MET A 238 21.02 -19.10 -3.14
N ASN A 239 21.03 -19.73 -1.96
CA ASN A 239 22.18 -19.66 -1.07
C ASN A 239 23.32 -20.53 -1.60
N LEU A 240 22.96 -21.58 -2.34
CA LEU A 240 23.94 -22.47 -2.96
C LEU A 240 24.68 -21.88 -4.17
N VAL A 241 24.02 -21.03 -4.94
CA VAL A 241 24.63 -20.45 -6.14
C VAL A 241 25.38 -19.19 -5.71
N GLY A 242 25.04 -18.73 -4.52
CA GLY A 242 25.69 -17.60 -3.90
C GLY A 242 24.88 -16.36 -4.18
N TRP A 243 23.62 -16.55 -4.57
CA TRP A 243 22.71 -15.43 -4.73
C TRP A 243 21.92 -15.33 -3.45
N ASN A 244 22.62 -14.99 -2.38
CA ASN A 244 22.06 -15.03 -1.04
C ASN A 244 22.29 -13.71 -0.33
N SER A 245 22.43 -12.65 -1.12
CA SER A 245 22.49 -11.30 -0.59
C SER A 245 21.07 -10.82 -0.42
N LEU A 246 20.89 -9.75 0.35
CA LEU A 246 19.56 -9.18 0.55
C LEU A 246 18.90 -8.72 -0.76
N PRO A 247 19.65 -8.05 -1.67
CA PRO A 247 19.04 -7.72 -2.96
C PRO A 247 18.57 -8.95 -3.76
N ALA A 248 19.26 -10.07 -3.59
CA ALA A 248 18.90 -11.33 -4.24
C ALA A 248 17.55 -11.87 -3.77
N TYR A 249 17.33 -11.82 -2.47
CA TYR A 249 16.08 -12.25 -1.85
C TYR A 249 14.92 -11.35 -2.28
N ILE A 250 15.21 -10.06 -2.46
CA ILE A 250 14.22 -9.09 -2.92
C ILE A 250 13.83 -9.42 -4.35
N ASN A 251 14.79 -9.90 -5.13
CA ASN A 251 14.54 -10.34 -6.49
C ASN A 251 13.60 -11.52 -6.53
N LEU A 252 13.74 -12.43 -5.57
CA LEU A 252 12.84 -13.57 -5.47
C LEU A 252 11.39 -13.15 -5.25
N LEU A 253 11.18 -12.19 -4.35
CA LEU A 253 9.83 -11.71 -4.05
C LEU A 253 9.22 -10.96 -5.23
N THR A 254 10.04 -10.21 -5.95
CA THR A 254 9.62 -9.52 -7.17
C THR A 254 9.10 -10.51 -8.22
N ILE A 255 9.88 -11.56 -8.46
CA ILE A 255 9.55 -12.56 -9.46
C ILE A 255 8.25 -13.28 -9.07
N VAL A 256 8.10 -13.56 -7.79
CA VAL A 256 6.88 -14.19 -7.29
C VAL A 256 5.67 -13.29 -7.53
N ALA A 257 5.80 -12.02 -7.17
CA ALA A 257 4.70 -11.07 -7.30
C ALA A 257 4.28 -10.85 -8.75
N ILE A 258 5.22 -10.96 -9.68
CA ILE A 258 4.91 -10.74 -11.09
C ILE A 258 4.40 -12.02 -11.76
N ALA A 259 4.95 -13.17 -11.36
CA ALA A 259 4.57 -14.43 -11.98
C ALA A 259 3.14 -14.81 -11.65
N ILE A 260 2.64 -14.37 -10.50
CA ILE A 260 1.28 -14.73 -10.12
C ILE A 260 0.23 -14.21 -11.12
N PRO A 261 0.28 -12.91 -11.50
CA PRO A 261 -0.66 -12.51 -12.56
C PRO A 261 -0.36 -13.04 -13.96
N VAL A 262 0.92 -13.18 -14.31
CA VAL A 262 1.29 -13.69 -15.63
C VAL A 262 0.80 -15.12 -15.88
N PHE A 263 0.90 -15.96 -14.85
CA PHE A 263 0.39 -17.32 -14.94
C PHE A 263 -1.14 -17.33 -15.00
N TYR A 264 -1.76 -16.43 -14.24
CA TYR A 264 -3.21 -16.27 -14.27
C TYR A 264 -3.72 -15.88 -15.65
N THR A 275 -11.90 -19.24 -27.45
CA THR A 275 -12.97 -18.92 -28.39
C THR A 275 -12.66 -17.62 -29.13
N SER A 276 -13.44 -17.30 -30.14
CA SER A 276 -13.22 -16.10 -30.91
C SER A 276 -13.39 -14.83 -30.04
N THR A 277 -14.61 -14.65 -29.56
CA THR A 277 -14.97 -13.45 -28.82
C THR A 277 -14.51 -13.49 -27.36
N GLU A 278 -14.93 -14.54 -26.65
CA GLU A 278 -14.57 -14.76 -25.24
C GLU A 278 -13.09 -14.57 -24.93
N HIS A 279 -12.21 -15.29 -25.63
CA HIS A 279 -10.78 -15.18 -25.42
C HIS A 279 -10.31 -13.72 -25.53
N LEU A 280 -10.86 -12.98 -26.48
CA LEU A 280 -10.49 -11.58 -26.67
C LEU A 280 -10.79 -10.69 -25.49
N ARG A 281 -11.90 -10.95 -24.81
CA ARG A 281 -12.32 -10.15 -23.67
C ARG A 281 -11.29 -10.35 -22.57
N VAL A 282 -10.92 -11.59 -22.29
CA VAL A 282 -9.93 -11.85 -21.26
C VAL A 282 -8.61 -11.17 -21.67
N VAL A 283 -8.27 -11.28 -22.95
CA VAL A 283 -7.08 -10.62 -23.50
C VAL A 283 -7.22 -9.09 -23.48
N SER A 284 -8.44 -8.60 -23.68
CA SER A 284 -8.71 -7.16 -23.72
C SER A 284 -8.46 -6.54 -22.37
N TYR A 285 -8.47 -7.34 -21.31
CA TYR A 285 -8.32 -6.82 -19.96
C TYR A 285 -6.84 -6.60 -19.64
N ILE A 286 -5.96 -7.27 -20.37
CA ILE A 286 -4.51 -7.20 -20.15
C ILE A 286 -3.98 -5.75 -20.19
N PRO A 287 -4.36 -4.94 -21.20
CA PRO A 287 -3.86 -3.56 -21.18
C PRO A 287 -4.40 -2.74 -20.00
N LEU A 288 -5.63 -3.00 -19.57
CA LEU A 288 -6.22 -2.30 -18.42
C LEU A 288 -5.48 -2.64 -17.12
N PHE A 289 -5.11 -3.90 -16.97
CA PHE A 289 -4.39 -4.36 -15.79
C PHE A 289 -3.00 -3.73 -15.74
N ILE A 290 -2.32 -3.67 -16.87
CA ILE A 290 -1.02 -3.04 -16.94
C ILE A 290 -1.12 -1.56 -16.56
N ALA A 291 -2.20 -0.90 -16.96
CA ALA A 291 -2.40 0.50 -16.60
C ALA A 291 -2.54 0.67 -15.09
N ALA A 292 -3.30 -0.23 -14.47
CA ALA A 292 -3.51 -0.22 -13.04
C ALA A 292 -2.19 -0.44 -12.31
N VAL A 293 -1.44 -1.44 -12.78
CA VAL A 293 -0.13 -1.77 -12.23
C VAL A 293 0.82 -0.57 -12.29
N LEU A 294 0.86 0.07 -13.46
CA LEU A 294 1.77 1.19 -13.65
C LEU A 294 1.33 2.40 -12.82
N PHE A 295 0.02 2.61 -12.67
CA PHE A 295 -0.44 3.71 -11.84
C PHE A 295 -0.03 3.47 -10.38
N TRP A 296 -0.26 2.25 -9.89
CA TRP A 296 0.07 1.93 -8.50
C TRP A 296 1.57 1.99 -8.26
N ALA A 297 2.35 1.62 -9.28
CA ALA A 297 3.78 1.74 -9.20
C ALA A 297 4.10 3.19 -8.86
N ILE A 298 3.54 4.10 -9.66
CA ILE A 298 3.77 5.52 -9.48
C ILE A 298 3.18 6.09 -8.18
N GLU A 299 1.96 5.67 -7.86
CA GLU A 299 1.29 6.14 -6.66
C GLU A 299 1.97 5.70 -5.37
N GLU A 300 2.46 4.46 -5.34
CA GLU A 300 3.14 3.93 -4.16
C GLU A 300 4.55 4.46 -4.00
N GLN A 301 5.08 5.14 -5.03
CA GLN A 301 6.42 5.73 -4.92
C GLN A 301 6.36 7.04 -4.16
N GLY A 302 5.13 7.46 -3.84
CA GLY A 302 4.90 8.65 -3.06
C GLY A 302 5.57 8.55 -1.70
N SER A 303 5.53 7.35 -1.14
CA SER A 303 6.05 7.09 0.20
C SER A 303 7.51 6.64 0.22
N VAL A 304 8.16 6.66 -0.94
CA VAL A 304 9.54 6.21 -1.08
C VAL A 304 10.46 7.24 -1.72
N VAL A 305 10.29 7.43 -3.02
CA VAL A 305 11.10 8.36 -3.82
C VAL A 305 10.82 9.82 -3.53
N LEU A 306 9.54 10.19 -3.46
CA LEU A 306 9.18 11.56 -3.14
C LEU A 306 9.55 11.90 -1.69
N ALA A 307 9.51 10.90 -0.82
CA ALA A 307 9.94 11.09 0.56
C ALA A 307 11.43 11.42 0.57
N THR A 308 12.16 10.78 -0.35
CA THR A 308 13.58 11.05 -0.51
C THR A 308 13.76 12.47 -1.04
N PHE A 309 12.98 12.82 -2.07
CA PHE A 309 13.05 14.15 -2.67
C PHE A 309 12.72 15.22 -1.64
N ALA A 310 11.66 14.96 -0.86
CA ALA A 310 11.21 15.89 0.17
C ALA A 310 12.31 16.21 1.19
N ALA A 311 13.07 15.19 1.58
CA ALA A 311 14.07 15.31 2.64
C ALA A 311 15.40 15.85 2.12
N GLU A 312 15.66 15.62 0.85
CA GLU A 312 16.95 15.97 0.26
C GLU A 312 16.88 17.23 -0.58
N ARG A 313 15.72 17.55 -1.15
CA ARG A 313 15.72 18.61 -2.14
C ARG A 313 14.83 19.78 -1.74
N VAL A 314 14.15 19.68 -0.58
CA VAL A 314 13.23 20.75 -0.19
C VAL A 314 13.63 21.49 1.13
N ASP A 315 13.55 22.82 1.13
CA ASP A 315 13.60 23.78 2.27
C ASP A 315 12.31 23.65 3.12
N SER A 316 12.40 22.91 4.24
CA SER A 316 11.24 22.53 5.13
C SER A 316 11.37 22.58 6.70
N SER A 317 12.09 23.58 7.22
CA SER A 317 12.46 23.68 8.64
C SER A 317 11.33 23.89 9.70
N TRP A 318 10.10 24.27 9.34
CA TRP A 318 9.11 24.56 10.38
C TRP A 318 8.11 23.39 10.57
N PHE A 319 8.38 22.26 9.91
CA PHE A 319 7.56 21.04 10.07
C PHE A 319 8.31 19.75 9.66
N PRO A 320 7.96 18.59 10.28
CA PRO A 320 8.57 17.29 9.98
C PRO A 320 8.39 16.95 8.49
N VAL A 321 9.48 16.59 7.82
CA VAL A 321 9.44 16.36 6.38
C VAL A 321 8.58 15.13 6.04
N SER A 322 8.39 14.26 7.03
CA SER A 322 7.52 13.10 6.86
C SER A 322 6.07 13.54 6.60
N TRP A 323 5.76 14.78 6.99
CA TRP A 323 4.40 15.34 6.84
C TRP A 323 3.91 15.45 5.40
N PHE A 324 4.83 15.41 4.44
CA PHE A 324 4.43 15.48 3.02
C PHE A 324 3.53 14.30 2.67
N GLN A 325 3.62 13.22 3.44
CA GLN A 325 2.81 12.03 3.20
C GLN A 325 1.33 12.26 3.54
N SER A 326 1.02 13.40 4.15
CA SER A 326 -0.36 13.74 4.48
C SER A 326 -1.11 14.35 3.30
N LEU A 327 -0.36 14.78 2.29
CA LEU A 327 -0.95 15.47 1.15
C LEU A 327 -1.81 14.52 0.30
N ASN A 328 -1.36 13.28 0.19
CA ASN A 328 -2.08 12.25 -0.57
C ASN A 328 -3.52 12.01 -0.06
N PRO A 329 -3.69 11.64 1.23
CA PRO A 329 -5.08 11.44 1.66
C PRO A 329 -5.88 12.73 1.76
N LEU A 330 -5.19 13.85 1.96
CA LEU A 330 -5.84 15.15 2.00
C LEU A 330 -6.52 15.41 0.65
N PHE A 331 -5.79 15.17 -0.44
CA PHE A 331 -6.33 15.41 -1.77
C PHE A 331 -7.45 14.43 -2.06
N ILE A 332 -7.34 13.21 -1.55
CA ILE A 332 -8.40 12.23 -1.69
C ILE A 332 -9.67 12.79 -1.03
N MET A 333 -9.53 13.31 0.18
CA MET A 333 -10.66 13.86 0.91
C MET A 333 -11.20 15.10 0.22
N LEU A 334 -10.31 15.88 -0.38
CA LEU A 334 -10.69 17.09 -1.10
C LEU A 334 -11.35 16.76 -2.45
N TYR A 335 -10.82 15.76 -3.15
CA TYR A 335 -11.33 15.39 -4.47
C TYR A 335 -12.65 14.63 -4.39
N THR A 336 -12.79 13.81 -3.36
CA THR A 336 -13.90 12.85 -3.25
C THR A 336 -15.28 13.51 -3.44
N PRO A 337 -15.58 14.61 -2.73
CA PRO A 337 -16.93 15.12 -2.95
C PRO A 337 -17.18 15.74 -4.33
N PHE A 338 -16.15 16.26 -5.00
CA PHE A 338 -16.34 16.80 -6.35
C PHE A 338 -16.68 15.78 -7.44
N PHE A 339 -15.90 14.70 -7.51
CA PHE A 339 -16.15 13.66 -8.51
C PHE A 339 -17.46 12.94 -8.28
N ALA A 340 -17.89 12.89 -7.02
CA ALA A 340 -19.20 12.34 -6.68
C ALA A 340 -20.33 13.11 -7.37
N TRP A 341 -20.28 14.44 -7.30
CA TRP A 341 -21.24 15.30 -7.98
C TRP A 341 -21.10 15.09 -9.50
N LEU A 342 -19.86 15.01 -9.98
CA LEU A 342 -19.56 14.95 -11.41
C LEU A 342 -20.16 13.75 -12.15
N TRP A 343 -20.02 12.54 -11.61
CA TRP A 343 -20.46 11.34 -12.33
C TRP A 343 -21.98 11.20 -12.41
N THR A 344 -22.70 11.94 -11.57
CA THR A 344 -24.15 11.95 -11.63
C THR A 344 -24.64 13.06 -12.57
N SER A 352 -16.27 6.18 -20.46
CA SER A 352 -16.16 4.74 -20.23
C SER A 352 -15.02 4.45 -19.25
N SER A 353 -15.04 3.26 -18.66
CA SER A 353 -13.99 2.82 -17.74
C SER A 353 -12.56 2.73 -18.30
N PRO A 354 -12.37 2.20 -19.53
CA PRO A 354 -11.02 2.21 -20.10
C PRO A 354 -10.43 3.61 -20.29
N THR A 355 -11.28 4.56 -20.65
CA THR A 355 -10.86 5.96 -20.81
C THR A 355 -10.43 6.53 -19.47
N LYS A 356 -11.16 6.19 -18.42
CA LYS A 356 -10.83 6.62 -17.07
C LYS A 356 -9.46 6.12 -16.67
N PHE A 357 -9.17 4.87 -17.04
CA PHE A 357 -7.86 4.30 -16.79
C PHE A 357 -6.79 5.09 -17.52
N ALA A 358 -7.07 5.38 -18.79
CA ALA A 358 -6.14 6.09 -19.66
C ALA A 358 -5.80 7.49 -19.16
N VAL A 359 -6.82 8.30 -18.87
CA VAL A 359 -6.59 9.65 -18.39
C VAL A 359 -5.93 9.61 -17.00
N GLY A 360 -6.34 8.64 -16.20
CA GLY A 360 -5.74 8.45 -14.88
C GLY A 360 -4.25 8.17 -14.93
N LEU A 361 -3.84 7.34 -15.89
CA LEU A 361 -2.43 7.02 -16.06
C LEU A 361 -1.67 8.22 -16.61
N MET A 362 -2.34 9.01 -17.44
CA MET A 362 -1.73 10.21 -18.00
C MET A 362 -1.43 11.19 -16.89
N PHE A 363 -2.35 11.34 -15.94
CA PHE A 363 -2.16 12.22 -14.81
C PHE A 363 -1.00 11.73 -13.93
N ALA A 364 -0.90 10.42 -13.76
CA ALA A 364 0.23 9.84 -13.04
C ALA A 364 1.53 10.20 -13.76
N GLY A 365 1.51 10.10 -15.09
CA GLY A 365 2.67 10.46 -15.88
C GLY A 365 2.97 11.94 -15.75
N LEU A 366 1.92 12.75 -15.74
CA LEU A 366 2.05 14.20 -15.59
C LEU A 366 2.59 14.56 -14.21
N SER A 367 2.25 13.75 -13.22
CA SER A 367 2.67 14.01 -11.85
C SER A 367 4.18 13.85 -11.72
N PHE A 368 4.74 12.98 -12.56
CA PHE A 368 6.18 12.79 -12.61
C PHE A 368 6.88 13.76 -13.58
N LEU A 369 6.22 14.04 -14.69
CA LEU A 369 6.75 15.03 -15.64
C LEU A 369 6.89 16.37 -14.93
N LEU A 370 5.90 16.69 -14.11
CA LEU A 370 5.92 17.90 -13.29
C LEU A 370 7.14 17.96 -12.36
N MET A 371 7.50 16.82 -11.76
CA MET A 371 8.58 16.79 -10.78
C MET A 371 9.94 16.89 -11.45
N ALA A 372 9.97 16.69 -12.75
CA ALA A 372 11.19 16.82 -13.53
C ALA A 372 11.54 18.28 -13.82
N ILE A 373 10.53 19.15 -13.75
CA ILE A 373 10.71 20.56 -14.11
C ILE A 373 11.66 21.35 -13.18
N PRO A 374 11.50 21.26 -11.84
CA PRO A 374 12.37 22.09 -10.98
C PRO A 374 13.87 21.76 -11.10
N GLY A 375 14.18 20.48 -11.20
CA GLY A 375 15.54 19.99 -11.37
C GLY A 375 16.21 20.39 -12.68
N ALA A 376 15.44 20.32 -13.76
CA ALA A 376 15.93 20.65 -15.09
C ALA A 376 16.24 22.13 -15.23
N LEU A 377 15.51 22.96 -14.50
CA LEU A 377 15.62 24.41 -14.62
C LEU A 377 16.68 24.98 -13.68
N TYR A 378 16.77 24.47 -12.46
CA TYR A 378 17.62 25.05 -11.43
C TYR A 378 18.84 24.18 -11.10
N GLY A 379 18.82 22.94 -11.56
CA GLY A 379 19.82 21.97 -11.16
C GLY A 379 19.38 21.17 -9.96
N THR A 380 20.12 20.10 -9.66
CA THR A 380 19.76 19.20 -8.59
C THR A 380 20.64 19.32 -7.34
N SER A 381 21.57 20.27 -7.36
CA SER A 381 22.50 20.41 -6.25
C SER A 381 21.94 21.28 -5.12
N GLY A 382 20.98 22.14 -5.46
CA GLY A 382 20.41 23.05 -4.47
C GLY A 382 19.15 22.43 -3.88
N LYS A 383 18.26 23.28 -3.36
CA LYS A 383 17.00 22.80 -2.83
C LYS A 383 15.86 23.69 -3.34
N VAL A 384 14.68 23.10 -3.50
CA VAL A 384 13.56 23.80 -4.13
C VAL A 384 12.30 23.88 -3.27
N SER A 385 11.33 24.65 -3.76
CA SER A 385 10.05 24.87 -3.07
C SER A 385 9.23 23.59 -2.90
N PRO A 386 8.53 23.48 -1.75
CA PRO A 386 7.55 22.43 -1.41
C PRO A 386 6.32 22.34 -2.34
N LEU A 387 6.02 23.39 -3.10
CA LEU A 387 4.80 23.40 -3.91
C LEU A 387 4.86 22.41 -5.09
N TRP A 388 6.06 22.01 -5.47
CA TRP A 388 6.25 21.01 -6.50
C TRP A 388 5.66 19.65 -6.12
N LEU A 389 5.87 19.24 -4.88
CA LEU A 389 5.34 17.98 -4.38
C LEU A 389 3.82 18.08 -4.19
N VAL A 390 3.35 19.24 -3.79
CA VAL A 390 1.92 19.47 -3.65
C VAL A 390 1.23 19.27 -5.00
N GLY A 391 1.83 19.84 -6.04
CA GLY A 391 1.31 19.71 -7.39
C GLY A 391 1.40 18.30 -7.95
N SER A 392 2.46 17.58 -7.58
CA SER A 392 2.65 16.22 -8.05
C SER A 392 1.54 15.33 -7.51
N TRP A 393 1.30 15.44 -6.21
CA TRP A 393 0.26 14.67 -5.55
C TRP A 393 -1.10 15.11 -6.06
N ALA A 394 -1.23 16.40 -6.36
CA ALA A 394 -2.47 16.93 -6.90
C ALA A 394 -2.81 16.20 -8.19
N LEU A 395 -1.78 15.94 -9.00
CA LEU A 395 -1.99 15.27 -10.29
C LEU A 395 -2.26 13.78 -10.13
N VAL A 396 -1.46 13.11 -9.30
CA VAL A 396 -1.61 11.66 -9.17
C VAL A 396 -2.92 11.28 -8.49
N ILE A 397 -3.37 12.08 -7.53
CA ILE A 397 -4.62 11.76 -6.86
C ILE A 397 -5.76 12.09 -7.82
N LEU A 398 -5.53 13.09 -8.67
CA LEU A 398 -6.47 13.41 -9.73
C LEU A 398 -6.61 12.21 -10.65
N GLY A 399 -5.46 11.59 -10.93
CA GLY A 399 -5.42 10.36 -11.71
C GLY A 399 -6.10 9.22 -11.00
N GLU A 400 -5.96 9.20 -9.67
CA GLU A 400 -6.54 8.15 -8.83
C GLU A 400 -8.06 8.21 -8.85
N MET A 401 -8.61 9.42 -8.89
CA MET A 401 -10.06 9.58 -8.96
C MET A 401 -10.64 9.00 -10.23
N LEU A 402 -9.78 8.83 -11.24
CA LEU A 402 -10.22 8.25 -12.51
C LEU A 402 -10.04 6.74 -12.53
N ILE A 403 -8.99 6.24 -11.88
CA ILE A 403 -8.67 4.82 -11.98
C ILE A 403 -9.20 4.07 -10.77
N SER A 421 -15.94 -9.92 -5.22
CA SER A 421 -14.87 -10.60 -4.49
C SER A 421 -13.69 -10.89 -5.42
N GLN A 422 -14.00 -11.22 -6.66
CA GLN A 422 -12.97 -11.54 -7.66
C GLN A 422 -12.19 -10.30 -8.08
N MET A 423 -12.90 -9.22 -8.36
CA MET A 423 -12.26 -8.00 -8.80
C MET A 423 -11.51 -7.29 -7.68
N MET A 424 -11.92 -7.50 -6.43
CA MET A 424 -11.14 -6.91 -5.34
C MET A 424 -9.75 -7.50 -5.17
N SER A 425 -9.59 -8.82 -5.32
CA SER A 425 -8.23 -9.33 -5.20
C SER A 425 -7.41 -8.88 -6.39
N MET A 426 -8.08 -8.69 -7.52
CA MET A 426 -7.39 -8.25 -8.73
C MET A 426 -6.84 -6.86 -8.53
N TRP A 427 -7.58 -6.06 -7.75
CA TRP A 427 -7.17 -4.72 -7.39
C TRP A 427 -5.88 -4.80 -6.56
N PHE A 428 -5.83 -5.69 -5.57
CA PHE A 428 -4.60 -5.77 -4.79
C PHE A 428 -3.47 -6.34 -5.60
N LEU A 429 -3.73 -7.15 -6.62
CA LEU A 429 -2.55 -7.59 -7.34
C LEU A 429 -2.06 -6.47 -8.22
N SER A 430 -2.96 -5.56 -8.63
CA SER A 430 -2.50 -4.48 -9.50
C SER A 430 -1.49 -3.62 -8.77
N SER A 431 -1.78 -3.43 -7.49
CA SER A 431 -0.94 -2.68 -6.56
C SER A 431 0.30 -3.41 -6.07
N SER A 432 0.17 -4.72 -5.91
CA SER A 432 1.30 -5.55 -5.54
C SER A 432 2.32 -5.58 -6.65
N VAL A 433 1.87 -5.82 -7.88
CA VAL A 433 2.78 -5.84 -9.01
C VAL A 433 3.36 -4.45 -9.22
N GLY A 434 2.53 -3.42 -9.07
CA GLY A 434 3.02 -2.06 -9.18
C GLY A 434 4.11 -1.72 -8.19
N SER A 435 3.90 -2.14 -6.95
CA SER A 435 4.88 -1.89 -5.89
C SER A 435 6.10 -2.77 -6.12
N ALA A 436 5.86 -3.97 -6.63
CA ALA A 436 6.93 -4.91 -6.99
C ALA A 436 7.78 -4.32 -8.11
N LEU A 437 7.11 -3.70 -9.07
CA LEU A 437 7.78 -2.98 -10.15
C LEU A 437 8.63 -1.86 -9.54
N ASN A 438 8.07 -1.20 -8.53
CA ASN A 438 8.78 -0.13 -7.84
C ASN A 438 10.08 -0.61 -7.18
N ALA A 439 10.06 -1.85 -6.68
CA ALA A 439 11.22 -2.44 -6.00
C ALA A 439 12.48 -2.50 -6.86
N GLN A 440 12.30 -2.51 -8.17
CA GLN A 440 13.43 -2.49 -9.10
C GLN A 440 13.82 -1.07 -9.50
N LEU A 441 12.83 -0.24 -9.79
CA LEU A 441 13.07 1.08 -10.36
C LEU A 441 13.64 2.10 -9.38
N VAL A 442 13.18 2.07 -8.13
CA VAL A 442 13.60 3.10 -7.17
C VAL A 442 15.09 3.04 -6.80
N THR A 443 15.75 1.92 -7.07
CA THR A 443 17.18 1.79 -6.81
C THR A 443 17.97 2.58 -7.84
N LEU A 444 17.26 3.07 -8.84
CA LEU A 444 17.86 3.88 -9.90
C LEU A 444 17.83 5.36 -9.53
N TYR A 445 17.03 5.71 -8.52
CA TYR A 445 16.89 7.11 -8.16
C TYR A 445 17.97 7.64 -7.23
N ASN A 446 18.58 8.72 -7.67
CA ASN A 446 19.49 9.52 -6.88
C ASN A 446 19.51 10.93 -7.46
N ALA A 447 20.35 11.79 -6.90
CA ALA A 447 20.41 13.19 -7.30
C ALA A 447 20.85 13.32 -8.75
N LYS A 448 21.79 12.48 -9.16
CA LYS A 448 22.31 12.50 -10.52
C LYS A 448 21.25 12.04 -11.54
N SER A 449 20.38 11.12 -11.12
CA SER A 449 19.43 10.53 -12.06
C SER A 449 18.03 11.13 -11.91
N GLU A 450 17.89 12.06 -10.97
CA GLU A 450 16.59 12.63 -10.61
C GLU A 450 15.71 13.04 -11.79
N VAL A 451 16.23 13.95 -12.61
CA VAL A 451 15.48 14.51 -13.74
C VAL A 451 15.12 13.48 -14.80
N ALA A 452 16.11 12.67 -15.15
CA ALA A 452 15.90 11.62 -16.14
C ALA A 452 14.91 10.60 -15.63
N TYR A 453 15.00 10.28 -14.34
CA TYR A 453 14.09 9.34 -13.71
C TYR A 453 12.64 9.82 -13.86
N PHE A 454 12.37 11.05 -13.44
CA PHE A 454 11.00 11.56 -13.52
C PHE A 454 10.47 11.74 -14.95
N SER A 455 11.31 12.30 -15.82
CA SER A 455 10.96 12.56 -17.23
C SER A 455 10.71 11.36 -18.12
N TYR A 456 11.69 10.46 -18.09
CA TYR A 456 11.74 9.28 -18.93
C TYR A 456 10.56 8.39 -18.59
N PHE A 457 10.44 8.05 -17.31
CA PHE A 457 9.40 7.18 -16.82
C PHE A 457 8.04 7.91 -16.77
N GLY A 458 8.10 9.23 -16.64
CA GLY A 458 6.91 10.07 -16.72
C GLY A 458 6.32 10.06 -18.11
N LEU A 459 7.17 10.32 -19.12
CA LEU A 459 6.76 10.35 -20.51
C LEU A 459 6.36 8.94 -20.94
N GLY A 460 7.06 7.96 -20.39
CA GLY A 460 6.79 6.56 -20.68
C GLY A 460 5.37 6.23 -20.26
N SER A 461 4.97 6.73 -19.10
CA SER A 461 3.64 6.49 -18.57
C SER A 461 2.58 7.19 -19.42
N VAL A 462 2.89 8.41 -19.86
CA VAL A 462 1.98 9.14 -20.72
C VAL A 462 1.79 8.41 -22.05
N VAL A 463 2.88 7.95 -22.64
CA VAL A 463 2.83 7.24 -23.92
C VAL A 463 2.02 5.95 -23.85
N LEU A 464 2.27 5.14 -22.83
CA LEU A 464 1.51 3.91 -22.68
C LEU A 464 0.06 4.24 -22.38
N GLY A 465 -0.14 5.39 -21.74
CA GLY A 465 -1.49 5.91 -21.52
C GLY A 465 -2.09 6.24 -22.86
N ILE A 466 -1.28 6.79 -23.76
CA ILE A 466 -1.75 7.11 -25.09
C ILE A 466 -2.02 5.82 -25.87
N VAL A 467 -1.19 4.81 -25.67
CA VAL A 467 -1.47 3.52 -26.32
C VAL A 467 -2.82 2.98 -25.87
N LEU A 468 -3.06 3.03 -24.56
CA LEU A 468 -4.31 2.52 -23.96
C LEU A 468 -5.62 3.26 -24.23
N VAL A 469 -5.55 4.58 -24.35
CA VAL A 469 -6.71 5.41 -24.69
C VAL A 469 -7.25 5.02 -26.06
N PHE A 470 -6.31 4.81 -26.96
CA PHE A 470 -6.51 4.37 -28.33
C PHE A 470 -7.21 3.01 -28.40
N LEU A 471 -6.88 2.11 -27.50
CA LEU A 471 -7.38 0.73 -27.53
C LEU A 471 -8.79 0.66 -26.97
N SER A 472 -9.27 1.75 -26.38
CA SER A 472 -10.53 1.76 -25.63
C SER A 472 -11.71 1.28 -26.49
#